data_3COL
#
_entry.id   3COL
#
_cell.length_a   64.213
_cell.length_b   66.936
_cell.length_c   93.404
_cell.angle_alpha   90.00
_cell.angle_beta   90.00
_cell.angle_gamma   90.00
#
_symmetry.space_group_name_H-M   'P 21 21 21'
#
loop_
_entity.id
_entity.type
_entity.pdbx_description
1 polymer 'Putative transcription regulator'
2 non-polymer GLYCEROL
3 water water
#
_entity_poly.entity_id   1
_entity_poly.type   'polypeptide(L)'
_entity_poly.pdbx_seq_one_letter_code
;SNA(MSE)KKKD(MSE)NKQVKIQDAVAAIILAEGPAGVSTTKVAKRVGIAQSNVYLYFKNKQALIDSVYARETNRILST
TDLDRLSDSTIDVTTRIRLYVQQVYDYSLANPDSLTIIQQIKALNGQG(MSE)TISAADADPNNIVANLLTAAIDAKVIK
QLPVSLH(MSE)GVVFSTIHTHTTNISKGRYAQDQYTFGDIFQ(MSE)IWDA(MSE)KQD
;
_entity_poly.pdbx_strand_id   A,B
#
# COMPACT_ATOMS: atom_id res chain seq x y z
N ASN A 10 25.21 11.80 -15.32
CA ASN A 10 25.99 10.69 -14.68
C ASN A 10 25.41 9.32 -15.03
N LYS A 11 26.29 8.37 -15.38
N LYS A 11 26.30 8.38 -15.39
CA LYS A 11 25.84 7.06 -15.87
CA LYS A 11 25.88 7.05 -15.88
C LYS A 11 25.02 6.31 -14.84
C LYS A 11 25.08 6.25 -14.86
N GLN A 12 25.51 6.29 -13.60
CA GLN A 12 24.85 5.59 -12.50
C GLN A 12 23.43 6.08 -12.37
N VAL A 13 23.26 7.40 -12.34
CA VAL A 13 21.95 8.02 -12.24
C VAL A 13 21.04 7.65 -13.41
N LYS A 14 21.56 7.73 -14.64
CA LYS A 14 20.84 7.28 -15.83
C LYS A 14 20.41 5.83 -15.70
N ILE A 15 21.29 4.99 -15.16
CA ILE A 15 20.93 3.59 -14.91
C ILE A 15 19.85 3.38 -13.86
N GLN A 16 19.99 4.07 -12.71
CA GLN A 16 18.96 4.01 -11.69
C GLN A 16 17.60 4.54 -12.18
N ASP A 17 17.62 5.63 -12.94
CA ASP A 17 16.38 6.16 -13.53
C ASP A 17 15.72 5.12 -14.43
N ALA A 18 16.52 4.45 -15.25
CA ALA A 18 16.02 3.36 -16.12
C ALA A 18 15.38 2.19 -15.33
N VAL A 19 16.07 1.70 -14.29
CA VAL A 19 15.51 0.66 -13.39
C VAL A 19 14.18 1.12 -12.80
N ALA A 20 14.12 2.37 -12.33
CA ALA A 20 12.94 2.87 -11.67
C ALA A 20 11.73 2.91 -12.63
N ALA A 21 11.97 3.32 -13.88
CA ALA A 21 10.95 3.29 -14.93
C ALA A 21 10.42 1.91 -15.22
N ILE A 22 11.31 0.94 -15.36
CA ILE A 22 10.92 -0.46 -15.57
C ILE A 22 10.07 -1.00 -14.40
N ILE A 23 10.53 -0.74 -13.18
CA ILE A 23 9.76 -1.10 -12.00
C ILE A 23 8.33 -0.54 -12.08
N LEU A 24 8.18 0.73 -12.46
CA LEU A 24 6.85 1.34 -12.55
C LEU A 24 5.99 0.68 -13.62
N ALA A 25 6.61 0.35 -14.76
CA ALA A 25 5.91 -0.28 -15.90
C ALA A 25 5.69 -1.80 -15.76
N GLU A 26 6.71 -2.53 -15.27
CA GLU A 26 6.60 -3.99 -15.22
C GLU A 26 6.82 -4.63 -13.86
N GLY A 27 6.99 -3.82 -12.82
CA GLY A 27 7.39 -4.33 -11.51
C GLY A 27 8.85 -4.77 -11.47
N PRO A 28 9.35 -5.11 -10.28
CA PRO A 28 10.75 -5.46 -10.11
C PRO A 28 11.16 -6.69 -10.95
N ALA A 29 10.25 -7.62 -11.13
CA ALA A 29 10.50 -8.80 -11.97
C ALA A 29 10.85 -8.43 -13.43
N GLY A 30 10.40 -7.27 -13.90
CA GLY A 30 10.70 -6.83 -15.25
C GLY A 30 12.12 -6.30 -15.45
N VAL A 31 12.84 -6.03 -14.36
CA VAL A 31 14.21 -5.50 -14.48
C VAL A 31 15.21 -6.56 -15.02
N SER A 32 16.02 -6.17 -16.01
CA SER A 32 17.15 -6.98 -16.46
C SER A 32 18.26 -6.04 -16.89
N THR A 33 19.50 -6.48 -16.82
CA THR A 33 20.63 -5.66 -17.30
C THR A 33 20.44 -5.29 -18.79
N THR A 34 19.96 -6.24 -19.58
CA THR A 34 19.75 -6.01 -21.01
C THR A 34 18.74 -4.87 -21.25
N LYS A 35 17.58 -4.99 -20.60
CA LYS A 35 16.53 -3.99 -20.71
C LYS A 35 17.02 -2.62 -20.22
N VAL A 36 17.78 -2.61 -19.12
CA VAL A 36 18.29 -1.35 -18.55
C VAL A 36 19.23 -0.69 -19.55
N ALA A 37 20.15 -1.49 -20.11
CA ALA A 37 21.11 -1.01 -21.07
C ALA A 37 20.45 -0.42 -22.31
N LYS A 38 19.40 -1.08 -22.81
CA LYS A 38 18.65 -0.60 -23.98
C LYS A 38 17.97 0.75 -23.70
N ARG A 39 17.38 0.89 -22.52
CA ARG A 39 16.80 2.16 -22.10
C ARG A 39 17.79 3.33 -22.00
N VAL A 40 18.96 3.07 -21.42
CA VAL A 40 19.98 4.09 -21.23
C VAL A 40 20.69 4.39 -22.55
N GLY A 41 20.76 3.40 -23.44
CA GLY A 41 21.47 3.54 -24.69
C GLY A 41 22.94 3.22 -24.62
N ILE A 42 23.31 2.32 -23.71
CA ILE A 42 24.69 1.89 -23.57
C ILE A 42 24.80 0.36 -23.68
N ALA A 43 26.03 -0.15 -23.82
CA ALA A 43 26.33 -1.58 -23.78
C ALA A 43 26.04 -2.20 -22.41
N GLN A 44 25.72 -3.50 -22.39
CA GLN A 44 25.50 -4.20 -21.10
C GLN A 44 26.75 -4.22 -20.23
N SER A 45 27.90 -4.34 -20.91
CA SER A 45 29.21 -4.25 -20.29
C SER A 45 29.38 -2.95 -19.51
N ASN A 46 28.81 -1.86 -20.05
CA ASN A 46 28.84 -0.57 -19.38
C ASN A 46 28.02 -0.63 -18.07
N VAL A 47 26.92 -1.38 -18.11
CA VAL A 47 26.03 -1.49 -16.96
C VAL A 47 26.74 -2.34 -15.91
N TYR A 48 27.45 -3.37 -16.38
CA TYR A 48 28.11 -4.27 -15.44
C TYR A 48 29.30 -3.65 -14.69
N LEU A 49 29.75 -2.47 -15.13
CA LEU A 49 30.85 -1.79 -14.39
C LEU A 49 30.37 -1.25 -13.06
N TYR A 50 29.06 -1.01 -12.99
CA TYR A 50 28.44 -0.31 -11.88
C TYR A 50 27.59 -1.23 -11.01
N PHE A 51 26.99 -2.24 -11.65
CA PHE A 51 26.06 -3.17 -10.98
C PHE A 51 26.31 -4.60 -11.47
N LYS A 52 26.45 -5.55 -10.57
CA LYS A 52 26.85 -6.90 -10.98
C LYS A 52 25.74 -7.77 -11.54
N ASN A 53 24.51 -7.42 -11.23
CA ASN A 53 23.33 -8.23 -11.68
C ASN A 53 22.02 -7.51 -11.44
N LYS A 54 20.91 -8.14 -11.83
CA LYS A 54 19.57 -7.59 -11.71
C LYS A 54 19.28 -7.20 -10.25
N GLN A 55 19.57 -8.07 -9.29
CA GLN A 55 19.36 -7.75 -7.86
C GLN A 55 20.10 -6.48 -7.41
N ALA A 56 21.37 -6.33 -7.79
CA ALA A 56 22.13 -5.11 -7.51
C ALA A 56 21.44 -3.85 -8.10
N LEU A 57 20.87 -3.97 -9.30
CA LEU A 57 20.15 -2.84 -9.93
C LEU A 57 18.93 -2.40 -9.06
N ILE A 58 18.14 -3.38 -8.64
CA ILE A 58 16.95 -3.17 -7.80
C ILE A 58 17.34 -2.59 -6.41
N ASP A 59 18.34 -3.20 -5.78
CA ASP A 59 18.75 -2.81 -4.44
C ASP A 59 19.21 -1.35 -4.46
N SER A 60 19.88 -0.94 -5.55
CA SER A 60 20.39 0.42 -5.71
C SER A 60 19.25 1.44 -5.74
N VAL A 61 18.23 1.14 -6.53
CA VAL A 61 17.04 1.99 -6.58
C VAL A 61 16.26 1.98 -5.24
N TYR A 62 16.15 0.81 -4.62
CA TYR A 62 15.55 0.76 -3.27
C TYR A 62 16.24 1.73 -2.30
N ALA A 63 17.58 1.66 -2.20
CA ALA A 63 18.33 2.48 -1.27
C ALA A 63 18.26 3.98 -1.64
N ARG A 64 18.29 4.30 -2.94
CA ARG A 64 18.09 5.67 -3.41
C ARG A 64 16.76 6.26 -2.96
N GLU A 65 15.66 5.56 -3.24
CA GLU A 65 14.34 6.04 -2.83
C GLU A 65 14.22 6.20 -1.30
N THR A 66 14.55 5.15 -0.54
CA THR A 66 14.43 5.20 0.91
C THR A 66 15.31 6.25 1.55
N ASN A 67 16.52 6.39 1.04
CA ASN A 67 17.44 7.41 1.55
C ASN A 67 17.04 8.85 1.25
N ARG A 68 16.15 9.03 0.28
CA ARG A 68 15.68 10.39 0.00
C ARG A 68 14.62 10.90 0.99
N ILE A 69 14.05 10.00 1.78
CA ILE A 69 12.96 10.42 2.66
C ILE A 69 13.40 11.40 3.77
N LEU A 70 14.42 11.03 4.53
CA LEU A 70 14.93 11.84 5.64
C LEU A 70 16.40 12.20 5.48
N SER A 71 16.73 13.46 5.76
CA SER A 71 18.12 13.93 5.78
C SER A 71 18.76 13.58 7.11
N THR A 72 20.08 13.79 7.18
CA THR A 72 20.87 13.64 8.40
C THR A 72 20.38 14.60 9.48
N THR A 73 20.15 15.86 9.08
CA THR A 73 19.43 16.89 9.84
C THR A 73 18.08 16.40 10.43
N ASP A 74 17.25 15.79 9.58
CA ASP A 74 16.00 15.20 10.04
C ASP A 74 16.28 14.18 11.13
N LEU A 75 17.16 13.24 10.83
CA LEU A 75 17.45 12.11 11.71
C LEU A 75 17.98 12.55 13.06
N ASP A 76 18.72 13.65 13.07
CA ASP A 76 19.34 14.12 14.29
C ASP A 76 18.24 14.63 15.23
N ARG A 77 17.30 15.39 14.67
N ARG A 77 17.30 15.41 14.69
CA ARG A 77 16.14 15.88 15.39
CA ARG A 77 16.14 15.86 15.44
C ARG A 77 15.27 14.72 15.92
C ARG A 77 15.29 14.69 15.95
N LEU A 78 15.06 13.69 15.09
CA LEU A 78 14.19 12.54 15.46
C LEU A 78 14.82 11.64 16.55
N SER A 79 16.14 11.63 16.61
CA SER A 79 16.83 10.85 17.60
C SER A 79 17.13 11.63 18.88
N ASP A 80 16.67 12.88 18.96
CA ASP A 80 17.00 13.75 20.08
C ASP A 80 16.00 13.42 21.18
N SER A 81 16.48 12.71 22.20
CA SER A 81 15.63 12.23 23.27
C SER A 81 15.11 13.31 24.22
N THR A 82 15.71 14.50 24.16
CA THR A 82 15.21 15.66 24.91
C THR A 82 13.95 16.31 24.32
N ILE A 83 13.64 16.01 23.05
CA ILE A 83 12.46 16.56 22.40
C ILE A 83 11.27 15.60 22.65
N ASP A 84 10.10 16.14 23.00
CA ASP A 84 9.05 15.21 23.33
C ASP A 84 8.62 14.40 22.10
N VAL A 85 8.17 13.17 22.33
CA VAL A 85 7.92 12.27 21.23
C VAL A 85 6.81 12.72 20.30
N THR A 86 5.85 13.49 20.84
CA THR A 86 4.68 13.93 20.08
C THR A 86 5.10 14.89 19.00
N THR A 87 5.98 15.81 19.39
CA THR A 87 6.61 16.76 18.47
C THR A 87 7.44 16.01 17.38
N ARG A 88 8.31 15.08 17.80
CA ARG A 88 9.15 14.37 16.84
C ARG A 88 8.35 13.51 15.87
N ILE A 89 7.27 12.86 16.32
CA ILE A 89 6.35 12.15 15.42
C ILE A 89 5.74 13.09 14.36
N ARG A 90 5.28 14.26 14.79
N ARG A 90 5.27 14.26 14.79
CA ARG A 90 4.71 15.22 13.86
CA ARG A 90 4.73 15.22 13.84
C ARG A 90 5.74 15.67 12.81
C ARG A 90 5.77 15.59 12.79
N LEU A 91 6.95 15.99 13.27
CA LEU A 91 8.08 16.34 12.39
C LEU A 91 8.35 15.22 11.39
N TYR A 92 8.34 13.98 11.89
CA TYR A 92 8.56 12.84 11.01
C TYR A 92 7.51 12.71 9.92
N VAL A 93 6.24 12.69 10.31
CA VAL A 93 5.18 12.49 9.38
C VAL A 93 5.09 13.67 8.41
N GLN A 94 5.37 14.87 8.89
CA GLN A 94 5.34 16.03 7.99
C GLN A 94 6.44 15.94 6.90
N GLN A 95 7.63 15.49 7.28
CA GLN A 95 8.69 15.20 6.29
C GLN A 95 8.29 14.11 5.25
N VAL A 96 7.77 12.98 5.71
CA VAL A 96 7.31 11.90 4.77
C VAL A 96 6.30 12.48 3.78
N TYR A 97 5.36 13.26 4.31
CA TYR A 97 4.33 13.95 3.53
C TYR A 97 4.92 14.87 2.47
N ASP A 98 5.80 15.80 2.88
CA ASP A 98 6.44 16.72 1.92
C ASP A 98 7.25 15.93 0.90
N TYR A 99 8.05 14.98 1.41
CA TYR A 99 8.88 14.12 0.56
C TYR A 99 8.06 13.42 -0.53
N SER A 100 6.96 12.79 -0.12
CA SER A 100 6.13 12.06 -1.04
C SER A 100 5.50 12.95 -2.13
N LEU A 101 4.94 14.11 -1.76
CA LEU A 101 4.32 14.97 -2.77
C LEU A 101 5.32 15.52 -3.76
N ALA A 102 6.55 15.66 -3.32
CA ALA A 102 7.64 16.25 -4.13
C ALA A 102 8.27 15.19 -5.04
N ASN A 103 8.11 13.91 -4.63
CA ASN A 103 8.55 12.67 -5.32
C ASN A 103 7.39 11.67 -5.46
N PRO A 104 6.44 11.97 -6.34
CA PRO A 104 5.14 11.26 -6.44
C PRO A 104 5.19 9.78 -6.81
N ASP A 105 6.33 9.27 -7.29
CA ASP A 105 6.49 7.86 -7.60
C ASP A 105 7.35 7.11 -6.60
N SER A 106 7.92 7.82 -5.63
CA SER A 106 8.92 7.19 -4.77
C SER A 106 8.34 6.10 -3.91
N LEU A 107 7.24 6.40 -3.22
CA LEU A 107 6.61 5.43 -2.36
C LEU A 107 6.09 4.26 -3.15
N THR A 108 5.59 4.52 -4.36
CA THR A 108 5.12 3.45 -5.23
C THR A 108 6.28 2.49 -5.55
N ILE A 109 7.45 3.06 -5.87
CA ILE A 109 8.62 2.25 -6.25
C ILE A 109 9.05 1.37 -5.08
N ILE A 110 9.21 2.00 -3.89
CA ILE A 110 9.57 1.33 -2.63
C ILE A 110 8.59 0.18 -2.35
N GLN A 111 7.30 0.48 -2.40
CA GLN A 111 6.26 -0.47 -2.08
C GLN A 111 6.37 -1.68 -3.01
N GLN A 112 6.56 -1.42 -4.30
N GLN A 112 6.59 -1.39 -4.29
CA GLN A 112 6.71 -2.50 -5.28
CA GLN A 112 6.72 -2.44 -5.31
C GLN A 112 7.91 -3.39 -5.01
C GLN A 112 7.91 -3.37 -5.07
N ILE A 113 9.05 -2.78 -4.72
CA ILE A 113 10.27 -3.55 -4.41
C ILE A 113 10.05 -4.37 -3.13
N LYS A 114 9.51 -3.73 -2.09
CA LYS A 114 9.17 -4.42 -0.85
C LYS A 114 8.23 -5.62 -1.04
N ALA A 115 7.19 -5.45 -1.85
CA ALA A 115 6.26 -6.55 -2.17
C ALA A 115 6.94 -7.79 -2.75
N LEU A 116 7.97 -7.57 -3.58
CA LEU A 116 8.68 -8.68 -4.24
C LEU A 116 9.71 -9.40 -3.36
N ASN A 117 10.33 -8.64 -2.44
CA ASN A 117 11.26 -9.20 -1.46
C ASN A 117 10.49 -10.01 -0.42
N GLY A 118 9.69 -9.30 0.39
CA GLY A 118 8.81 -9.92 1.39
C GLY A 118 9.55 -10.73 2.45
N GLN A 119 10.18 -10.01 3.39
CA GLN A 119 11.09 -10.61 4.39
C GLN A 119 10.40 -11.54 5.37
N ASP A 127 12.23 2.53 9.52
CA ASP A 127 13.29 1.96 10.32
C ASP A 127 13.93 3.00 11.26
N ALA A 128 14.30 4.15 10.70
CA ALA A 128 15.16 5.17 11.32
C ALA A 128 16.51 5.04 10.67
N ASP A 129 16.45 4.56 9.43
CA ASP A 129 17.60 4.17 8.61
C ASP A 129 18.55 3.21 9.32
N PRO A 130 19.86 3.44 9.20
CA PRO A 130 20.85 2.49 9.71
C PRO A 130 20.69 2.21 11.21
N ASN A 131 20.42 3.25 12.00
CA ASN A 131 20.42 3.17 13.48
C ASN A 131 19.04 2.97 14.14
N ASN A 132 18.03 2.59 13.37
CA ASN A 132 16.67 2.34 13.89
C ASN A 132 16.02 3.56 14.61
N ILE A 133 16.43 4.77 14.23
CA ILE A 133 15.90 6.04 14.78
C ILE A 133 14.36 6.18 14.80
N VAL A 134 13.70 5.95 13.66
CA VAL A 134 12.24 6.03 13.61
C VAL A 134 11.60 4.93 14.46
N ALA A 135 12.11 3.69 14.33
CA ALA A 135 11.57 2.57 15.11
C ALA A 135 11.73 2.83 16.60
N ASN A 136 12.89 3.35 16.98
CA ASN A 136 13.15 3.74 18.37
C ASN A 136 12.21 4.81 18.87
N LEU A 137 11.92 5.77 17.99
CA LEU A 137 11.00 6.86 18.34
C LEU A 137 9.60 6.28 18.61
N LEU A 138 9.15 5.37 17.74
CA LEU A 138 7.81 4.81 17.86
C LEU A 138 7.70 3.93 19.09
N THR A 139 8.68 3.07 19.34
CA THR A 139 8.66 2.24 20.56
C THR A 139 8.67 3.06 21.85
N ALA A 140 9.47 4.12 21.85
CA ALA A 140 9.49 5.06 22.99
C ALA A 140 8.12 5.70 23.20
N ALA A 141 7.47 6.07 22.11
CA ALA A 141 6.11 6.64 22.16
C ALA A 141 5.10 5.59 22.65
N ILE A 142 5.28 4.35 22.23
CA ILE A 142 4.44 3.26 22.71
C ILE A 142 4.66 3.07 24.23
N ASP A 143 5.91 2.97 24.65
CA ASP A 143 6.20 2.83 26.09
C ASP A 143 5.63 3.96 26.96
N ALA A 144 5.59 5.17 26.41
CA ALA A 144 5.14 6.34 27.17
C ALA A 144 3.61 6.41 27.20
N LYS A 145 2.98 5.47 26.51
CA LYS A 145 1.54 5.47 26.27
C LYS A 145 1.04 6.72 25.51
N VAL A 146 1.91 7.25 24.66
CA VAL A 146 1.58 8.36 23.79
C VAL A 146 0.86 7.87 22.53
N ILE A 147 1.34 6.77 21.95
CA ILE A 147 0.62 6.17 20.83
C ILE A 147 0.17 4.74 21.22
N LYS A 148 -0.75 4.19 20.46
CA LYS A 148 -1.38 2.90 20.75
C LYS A 148 -0.41 1.72 20.95
N GLN A 149 -0.76 0.81 21.87
CA GLN A 149 0.03 -0.41 22.06
C GLN A 149 -0.20 -1.35 20.90
N LEU A 150 0.26 -0.97 19.72
CA LEU A 150 0.12 -1.77 18.54
C LEU A 150 1.49 -1.86 17.90
N PRO A 151 1.67 -2.83 16.98
CA PRO A 151 2.97 -3.03 16.38
C PRO A 151 3.45 -1.80 15.65
N VAL A 152 4.77 -1.63 15.71
CA VAL A 152 5.41 -0.54 15.00
C VAL A 152 5.02 -0.56 13.53
N SER A 153 4.83 -1.74 12.95
CA SER A 153 4.53 -1.85 11.51
C SER A 153 3.15 -1.29 11.20
N LEU A 154 2.24 -1.33 12.17
CA LEU A 154 0.89 -0.76 11.99
C LEU A 154 0.88 0.77 12.00
N HIS A 155 1.64 1.34 12.91
CA HIS A 155 1.92 2.78 12.96
C HIS A 155 2.62 3.31 11.69
N GLY A 157 2.66 1.74 8.86
CA GLY A 157 1.71 1.43 7.78
C GLY A 157 0.67 2.52 7.56
N VAL A 158 0.08 3.03 8.63
CA VAL A 158 -0.91 4.10 8.51
C VAL A 158 -0.30 5.42 7.97
N VAL A 159 0.91 5.77 8.44
CA VAL A 159 1.67 6.89 7.94
C VAL A 159 1.92 6.75 6.44
N PHE A 160 2.53 5.66 6.05
CA PHE A 160 2.93 5.52 4.67
C PHE A 160 1.78 5.29 3.72
N SER A 161 0.82 4.46 4.13
N SER A 161 0.81 4.46 4.12
CA SER A 161 -0.32 4.13 3.24
CA SER A 161 -0.31 4.15 3.20
C SER A 161 -1.21 5.34 2.96
C SER A 161 -1.22 5.34 2.95
N THR A 162 -1.50 6.12 3.99
CA THR A 162 -2.32 7.35 3.88
C THR A 162 -1.64 8.40 3.00
N ILE A 163 -0.34 8.65 3.23
CA ILE A 163 0.41 9.56 2.40
C ILE A 163 0.54 9.05 0.97
N HIS A 164 0.76 7.74 0.81
CA HIS A 164 0.88 7.21 -0.52
C HIS A 164 -0.42 7.40 -1.33
N THR A 165 -1.56 7.01 -0.75
CA THR A 165 -2.87 7.16 -1.39
C THR A 165 -3.15 8.62 -1.78
N HIS A 166 -2.88 9.52 -0.85
CA HIS A 166 -3.07 10.96 -1.07
C HIS A 166 -2.20 11.41 -2.26
N THR A 167 -0.96 10.93 -2.31
CA THR A 167 -0.03 11.29 -3.39
C THR A 167 -0.50 10.81 -4.77
N THR A 168 -0.91 9.54 -4.87
CA THR A 168 -1.38 9.00 -6.13
C THR A 168 -2.73 9.61 -6.50
N ASN A 169 -3.57 9.94 -5.51
CA ASN A 169 -4.82 10.66 -5.81
C ASN A 169 -4.52 11.97 -6.55
N ILE A 170 -3.47 12.67 -6.10
CA ILE A 170 -3.08 13.93 -6.74
C ILE A 170 -2.53 13.68 -8.16
N SER A 171 -1.73 12.62 -8.34
CA SER A 171 -1.22 12.28 -9.69
C SER A 171 -2.30 11.86 -10.67
N LYS A 172 -3.37 11.28 -10.14
CA LYS A 172 -4.51 10.81 -10.93
C LYS A 172 -5.54 11.90 -11.26
N GLY A 173 -5.25 13.11 -10.81
CA GLY A 173 -6.13 14.24 -11.03
C GLY A 173 -7.40 14.18 -10.22
N ARG A 174 -7.40 13.47 -9.10
CA ARG A 174 -8.65 13.37 -8.32
C ARG A 174 -8.99 14.66 -7.59
N TYR A 175 -7.96 15.42 -7.21
CA TYR A 175 -8.15 16.73 -6.59
C TYR A 175 -6.79 17.42 -6.68
N ALA A 176 -6.76 18.72 -6.41
CA ALA A 176 -5.50 19.50 -6.49
C ALA A 176 -4.55 19.20 -5.34
N GLN A 177 -3.27 19.51 -5.52
CA GLN A 177 -2.29 19.36 -4.42
C GLN A 177 -2.63 20.15 -3.14
N ASP A 178 -3.35 21.27 -3.31
N ASP A 178 -3.29 21.30 -3.30
CA ASP A 178 -3.68 22.18 -2.21
CA ASP A 178 -3.65 22.15 -2.15
C ASP A 178 -5.12 22.01 -1.71
C ASP A 178 -5.17 22.10 -1.85
N GLN A 179 -5.84 21.02 -2.24
CA GLN A 179 -7.21 20.80 -1.79
C GLN A 179 -7.22 20.54 -0.26
N TYR A 180 -6.28 19.71 0.20
CA TYR A 180 -6.10 19.38 1.64
C TYR A 180 -4.78 19.85 2.13
N THR A 181 -4.70 20.18 3.41
CA THR A 181 -3.46 20.64 4.00
C THR A 181 -2.82 19.46 4.71
N PHE A 182 -1.57 19.63 5.11
CA PHE A 182 -0.93 18.62 5.91
C PHE A 182 -1.79 18.40 7.16
N GLY A 183 -2.30 19.49 7.75
CA GLY A 183 -3.11 19.40 8.93
C GLY A 183 -4.32 18.48 8.71
N ASP A 184 -4.97 18.60 7.55
CA ASP A 184 -6.15 17.74 7.27
C ASP A 184 -5.77 16.22 7.24
N ILE A 185 -4.70 15.91 6.53
CA ILE A 185 -4.26 14.53 6.37
C ILE A 185 -3.67 13.98 7.67
N PHE A 186 -2.86 14.81 8.35
CA PHE A 186 -2.24 14.43 9.63
C PHE A 186 -3.31 14.19 10.69
N GLN A 187 -4.46 14.86 10.60
CA GLN A 187 -5.52 14.57 11.59
C GLN A 187 -5.94 13.06 11.55
N ILE A 189 -4.04 10.48 10.33
CA ILE A 189 -2.86 9.66 10.71
C ILE A 189 -2.59 9.71 12.22
N TRP A 190 -2.64 10.91 12.79
CA TRP A 190 -2.38 11.09 14.23
C TRP A 190 -3.48 10.48 15.10
N ASP A 191 -4.75 10.71 14.75
CA ASP A 191 -5.87 9.97 15.41
C ASP A 191 -5.66 8.44 15.38
N ALA A 192 -5.29 7.92 14.21
CA ALA A 192 -5.03 6.45 14.04
C ALA A 192 -3.99 6.01 15.04
N LYS A 194 -2.56 7.74 17.89
CA LYS A 194 -2.46 8.22 19.27
C LYS A 194 -3.25 7.39 20.26
N GLN A 195 -2.75 7.34 21.49
CA GLN A 195 -3.29 6.48 22.52
C GLN A 195 -4.67 7.00 22.98
N ASP A 196 -5.66 6.10 22.97
CA ASP A 196 -7.13 6.36 22.98
C ASP A 196 -7.77 6.51 21.57
N LYS B 11 -13.09 -22.39 -18.75
CA LYS B 11 -11.64 -22.24 -18.46
C LYS B 11 -11.33 -20.99 -17.65
N GLN B 12 -12.38 -20.18 -17.44
CA GLN B 12 -12.37 -19.00 -16.57
C GLN B 12 -11.46 -19.17 -15.36
N VAL B 13 -11.77 -20.18 -14.53
CA VAL B 13 -11.12 -20.37 -13.22
C VAL B 13 -9.61 -20.57 -13.25
N LYS B 14 -9.15 -21.49 -14.09
CA LYS B 14 -7.71 -21.85 -14.24
C LYS B 14 -6.84 -20.64 -14.60
N ILE B 15 -7.21 -19.96 -15.68
CA ILE B 15 -6.59 -18.69 -16.07
C ILE B 15 -6.61 -17.61 -14.92
N GLN B 16 -7.66 -17.58 -14.10
CA GLN B 16 -7.72 -16.66 -12.98
C GLN B 16 -6.75 -17.04 -11.86
N ASP B 17 -6.68 -18.32 -11.49
CA ASP B 17 -5.78 -18.75 -10.42
C ASP B 17 -4.32 -18.49 -10.83
N ALA B 18 -4.06 -18.51 -12.14
CA ALA B 18 -2.73 -18.22 -12.68
C ALA B 18 -2.42 -16.74 -12.65
N VAL B 19 -3.42 -15.91 -12.91
CA VAL B 19 -3.23 -14.47 -12.80
C VAL B 19 -2.81 -14.18 -11.33
N ALA B 20 -3.52 -14.83 -10.38
CA ALA B 20 -3.29 -14.68 -8.93
C ALA B 20 -1.89 -15.07 -8.43
N ALA B 21 -1.45 -16.29 -8.68
CA ALA B 21 -0.08 -16.70 -8.33
C ALA B 21 1.00 -15.82 -8.97
N ILE B 22 0.75 -15.33 -10.19
CA ILE B 22 1.66 -14.39 -10.85
C ILE B 22 1.67 -13.08 -10.10
N ILE B 23 0.48 -12.54 -9.83
CA ILE B 23 0.37 -11.30 -9.04
C ILE B 23 1.10 -11.44 -7.70
N LEU B 24 0.89 -12.54 -6.98
CA LEU B 24 1.59 -12.77 -5.72
C LEU B 24 3.11 -12.78 -5.87
N ALA B 25 3.63 -13.38 -6.95
CA ALA B 25 5.07 -13.58 -7.08
C ALA B 25 5.78 -12.41 -7.77
N GLU B 26 5.12 -11.81 -8.76
CA GLU B 26 5.75 -10.86 -9.65
C GLU B 26 4.97 -9.54 -9.75
N GLY B 27 3.79 -9.49 -9.12
CA GLY B 27 2.95 -8.29 -9.15
C GLY B 27 2.07 -8.19 -10.40
N PRO B 28 1.09 -7.25 -10.40
CA PRO B 28 0.11 -7.02 -11.46
C PRO B 28 0.80 -6.61 -12.75
N ALA B 29 1.91 -5.87 -12.62
CA ALA B 29 2.65 -5.39 -13.78
C ALA B 29 3.33 -6.55 -14.53
N GLY B 30 3.42 -7.71 -13.86
CA GLY B 30 4.12 -8.88 -14.38
C GLY B 30 3.22 -9.71 -15.25
N VAL B 31 1.91 -9.53 -15.02
CA VAL B 31 0.82 -10.12 -15.77
C VAL B 31 0.84 -9.79 -17.28
N SER B 32 0.71 -10.84 -18.10
CA SER B 32 0.41 -10.66 -19.51
C SER B 32 -0.32 -11.89 -20.03
N THR B 33 -0.98 -11.75 -21.18
CA THR B 33 -1.61 -12.88 -21.90
C THR B 33 -0.61 -14.04 -22.09
N THR B 34 0.58 -13.72 -22.64
CA THR B 34 1.66 -14.70 -22.88
C THR B 34 2.01 -15.58 -21.67
N LYS B 35 2.39 -14.95 -20.56
CA LYS B 35 2.81 -15.66 -19.37
C LYS B 35 1.64 -16.45 -18.77
N VAL B 36 0.45 -15.85 -18.79
CA VAL B 36 -0.72 -16.51 -18.23
C VAL B 36 -0.94 -17.79 -19.02
N ALA B 37 -0.83 -17.67 -20.35
CA ALA B 37 -0.91 -18.81 -21.25
C ALA B 37 0.11 -19.88 -20.86
N LYS B 38 1.39 -19.52 -20.82
CA LYS B 38 2.45 -20.46 -20.47
C LYS B 38 2.22 -21.15 -19.12
N ARG B 39 1.93 -20.36 -18.08
CA ARG B 39 1.74 -20.88 -16.71
C ARG B 39 0.66 -21.96 -16.59
N VAL B 40 -0.45 -21.80 -17.31
CA VAL B 40 -1.49 -22.83 -17.38
C VAL B 40 -1.02 -23.96 -18.34
N GLY B 41 -0.74 -23.60 -19.60
CA GLY B 41 -0.33 -24.56 -20.60
C GLY B 41 -1.33 -24.73 -21.73
N ILE B 42 -1.98 -23.64 -22.13
CA ILE B 42 -2.77 -23.60 -23.38
C ILE B 42 -2.15 -22.63 -24.39
N ALA B 43 -2.77 -22.48 -25.55
CA ALA B 43 -2.33 -21.45 -26.51
C ALA B 43 -2.75 -20.05 -26.03
N GLN B 44 -2.06 -19.03 -26.54
CA GLN B 44 -2.35 -17.60 -26.34
C GLN B 44 -3.81 -17.22 -26.56
N SER B 45 -4.38 -17.67 -27.69
CA SER B 45 -5.75 -17.30 -28.07
C SER B 45 -6.82 -18.11 -27.33
N ASN B 46 -6.42 -19.15 -26.59
CA ASN B 46 -7.35 -19.85 -25.70
C ASN B 46 -7.85 -18.79 -24.72
N VAL B 47 -6.90 -17.98 -24.23
CA VAL B 47 -7.08 -16.91 -23.22
C VAL B 47 -7.93 -15.74 -23.72
N TYR B 48 -7.67 -15.30 -24.96
CA TYR B 48 -8.37 -14.17 -25.60
C TYR B 48 -9.90 -14.24 -25.50
N LEU B 49 -10.45 -15.45 -25.57
CA LEU B 49 -11.89 -15.68 -25.58
C LEU B 49 -12.62 -15.30 -24.30
N TYR B 50 -11.89 -15.26 -23.19
CA TYR B 50 -12.45 -14.84 -21.91
C TYR B 50 -11.95 -13.45 -21.61
N PHE B 51 -10.66 -13.22 -21.91
CA PHE B 51 -9.95 -11.99 -21.53
C PHE B 51 -8.99 -11.56 -22.65
N LYS B 52 -9.35 -10.47 -23.33
CA LYS B 52 -8.64 -10.03 -24.55
C LYS B 52 -7.31 -9.32 -24.34
N ASN B 53 -6.90 -9.11 -23.08
CA ASN B 53 -5.65 -8.36 -22.76
C ASN B 53 -5.23 -8.31 -21.27
N LYS B 54 -4.13 -7.59 -20.98
CA LYS B 54 -3.58 -7.53 -19.61
C LYS B 54 -4.57 -6.95 -18.60
N GLN B 55 -5.20 -5.82 -18.94
CA GLN B 55 -6.11 -5.14 -18.03
C GLN B 55 -7.34 -5.97 -17.69
N ALA B 56 -7.94 -6.61 -18.71
CA ALA B 56 -9.09 -7.49 -18.47
C ALA B 56 -8.77 -8.63 -17.49
N LEU B 57 -7.58 -9.25 -17.65
CA LEU B 57 -7.08 -10.27 -16.70
C LEU B 57 -7.04 -9.78 -15.26
N ILE B 58 -6.30 -8.70 -15.03
CA ILE B 58 -6.20 -8.07 -13.71
C ILE B 58 -7.59 -7.72 -13.17
N ASP B 59 -8.42 -7.09 -14.00
CA ASP B 59 -9.79 -6.75 -13.62
C ASP B 59 -10.55 -7.98 -13.13
N SER B 60 -10.27 -9.13 -13.76
CA SER B 60 -10.97 -10.39 -13.53
C SER B 60 -10.67 -10.98 -12.16
N VAL B 61 -9.37 -11.16 -11.88
CA VAL B 61 -8.93 -11.64 -10.57
C VAL B 61 -9.31 -10.64 -9.56
N TYR B 62 -9.17 -9.35 -9.91
CA TYR B 62 -9.61 -8.27 -9.02
C TYR B 62 -11.09 -8.44 -8.67
N ALA B 63 -11.91 -8.82 -9.66
CA ALA B 63 -13.34 -9.05 -9.41
C ALA B 63 -13.55 -10.26 -8.51
N ARG B 64 -12.92 -11.37 -8.86
CA ARG B 64 -12.97 -12.60 -8.06
C ARG B 64 -12.63 -12.37 -6.57
N GLU B 65 -11.51 -11.71 -6.29
CA GLU B 65 -11.11 -11.42 -4.90
C GLU B 65 -12.06 -10.42 -4.20
N THR B 66 -12.39 -9.32 -4.89
CA THR B 66 -13.28 -8.29 -4.29
C THR B 66 -14.70 -8.78 -4.00
N ASN B 67 -15.29 -9.57 -4.92
CA ASN B 67 -16.63 -10.16 -4.72
C ASN B 67 -16.69 -11.24 -3.64
N ARG B 68 -15.52 -11.78 -3.26
N ARG B 68 -15.53 -11.77 -3.25
CA ARG B 68 -15.44 -12.74 -2.17
CA ARG B 68 -15.45 -12.75 -2.18
C ARG B 68 -15.52 -12.05 -0.81
C ARG B 68 -15.44 -12.07 -0.80
N ILE B 69 -15.23 -10.76 -0.75
CA ILE B 69 -15.20 -10.07 0.55
C ILE B 69 -16.59 -10.00 1.17
N LEU B 70 -17.54 -9.42 0.43
CA LEU B 70 -18.91 -9.29 0.92
C LEU B 70 -19.80 -10.11 0.04
N SER B 71 -20.62 -10.96 0.65
CA SER B 71 -21.62 -11.66 -0.10
C SER B 71 -22.68 -10.69 -0.63
N THR B 72 -23.54 -11.24 -1.45
CA THR B 72 -24.71 -10.55 -1.94
C THR B 72 -25.63 -10.11 -0.74
N THR B 73 -25.77 -10.99 0.24
CA THR B 73 -26.49 -10.71 1.49
C THR B 73 -25.88 -9.58 2.26
N ASP B 74 -24.55 -9.68 2.47
CA ASP B 74 -23.78 -8.69 3.18
C ASP B 74 -23.96 -7.32 2.58
N LEU B 75 -23.92 -7.22 1.25
CA LEU B 75 -24.02 -5.94 0.55
C LEU B 75 -25.46 -5.41 0.72
N ASP B 76 -26.44 -6.29 0.61
CA ASP B 76 -27.83 -5.90 0.83
C ASP B 76 -28.05 -5.33 2.26
N ARG B 77 -27.50 -6.03 3.27
CA ARG B 77 -27.66 -5.65 4.69
C ARG B 77 -26.97 -4.33 4.93
N LEU B 78 -25.87 -4.13 4.24
CA LEU B 78 -25.08 -2.92 4.36
C LEU B 78 -25.76 -1.69 3.73
N SER B 79 -26.63 -1.94 2.75
CA SER B 79 -27.38 -0.88 2.03
C SER B 79 -28.58 -0.39 2.81
N ASP B 80 -28.86 -1.01 3.95
CA ASP B 80 -30.05 -0.67 4.73
C ASP B 80 -29.87 0.62 5.56
N SER B 81 -30.39 1.70 4.99
CA SER B 81 -30.41 3.02 5.59
C SER B 81 -30.94 3.14 7.02
N THR B 82 -31.77 2.20 7.43
CA THR B 82 -32.37 2.26 8.76
C THR B 82 -31.36 1.96 9.86
N ILE B 83 -30.29 1.25 9.51
CA ILE B 83 -29.21 0.94 10.42
C ILE B 83 -28.23 2.11 10.38
N ASP B 84 -27.88 2.65 11.54
CA ASP B 84 -27.06 3.85 11.59
C ASP B 84 -25.68 3.62 10.93
N VAL B 85 -25.10 4.71 10.39
CA VAL B 85 -23.86 4.58 9.63
C VAL B 85 -22.68 4.07 10.47
N THR B 86 -22.63 4.46 11.74
CA THR B 86 -21.54 4.04 12.61
C THR B 86 -21.50 2.50 12.70
N THR B 87 -22.66 1.91 12.96
CA THR B 87 -22.87 0.46 13.03
C THR B 87 -22.57 -0.22 11.71
N ARG B 88 -23.01 0.35 10.59
CA ARG B 88 -22.80 -0.26 9.26
C ARG B 88 -21.33 -0.20 8.87
N ILE B 89 -20.66 0.89 9.24
CA ILE B 89 -19.20 0.97 9.01
C ILE B 89 -18.46 -0.13 9.80
N ARG B 90 -18.82 -0.32 11.07
CA ARG B 90 -18.20 -1.37 11.89
CA ARG B 90 -18.19 -1.36 11.88
C ARG B 90 -18.45 -2.75 11.27
N LEU B 91 -19.71 -3.06 10.95
CA LEU B 91 -20.02 -4.36 10.32
C LEU B 91 -19.22 -4.61 9.03
N TYR B 92 -19.09 -3.59 8.21
CA TYR B 92 -18.27 -3.70 7.01
C TYR B 92 -16.77 -3.98 7.33
N VAL B 93 -16.14 -3.19 8.20
CA VAL B 93 -14.71 -3.37 8.52
C VAL B 93 -14.44 -4.74 9.15
N GLN B 94 -15.34 -5.15 10.05
CA GLN B 94 -15.36 -6.47 10.66
C GLN B 94 -15.33 -7.61 9.62
N GLN B 95 -16.13 -7.44 8.57
N GLN B 95 -16.16 -7.46 8.58
CA GLN B 95 -16.24 -8.41 7.48
CA GLN B 95 -16.22 -8.44 7.50
C GLN B 95 -14.98 -8.46 6.60
C GLN B 95 -14.93 -8.47 6.67
N VAL B 96 -14.41 -7.29 6.32
CA VAL B 96 -13.11 -7.17 5.65
C VAL B 96 -11.98 -7.84 6.51
N TYR B 97 -11.99 -7.58 7.81
CA TYR B 97 -11.02 -8.17 8.74
C TYR B 97 -11.16 -9.71 8.76
N ASP B 98 -12.39 -10.21 8.98
CA ASP B 98 -12.64 -11.64 9.06
C ASP B 98 -12.24 -12.31 7.75
N TYR B 99 -12.61 -11.67 6.65
CA TYR B 99 -12.30 -12.20 5.33
C TYR B 99 -10.76 -12.31 5.10
N SER B 100 -10.05 -11.24 5.44
N SER B 100 -10.02 -11.27 5.46
CA SER B 100 -8.61 -11.14 5.22
CA SER B 100 -8.58 -11.21 5.18
C SER B 100 -7.81 -12.18 6.01
C SER B 100 -7.76 -12.17 6.03
N LEU B 101 -8.14 -12.32 7.29
CA LEU B 101 -7.50 -13.30 8.16
C LEU B 101 -7.72 -14.73 7.65
N ALA B 102 -8.89 -14.98 7.03
CA ALA B 102 -9.22 -16.30 6.51
C ALA B 102 -8.58 -16.52 5.14
N ASN B 103 -8.27 -15.42 4.45
CA ASN B 103 -7.73 -15.45 3.09
C ASN B 103 -6.49 -14.53 2.94
N PRO B 104 -5.37 -14.90 3.53
CA PRO B 104 -4.28 -13.94 3.75
C PRO B 104 -3.44 -13.53 2.51
N ASP B 105 -3.70 -14.13 1.35
CA ASP B 105 -3.10 -13.66 0.10
C ASP B 105 -4.04 -12.77 -0.73
N SER B 106 -5.33 -12.82 -0.35
CA SER B 106 -6.37 -12.08 -1.04
C SER B 106 -6.14 -10.58 -1.09
N LEU B 107 -5.96 -9.92 0.08
CA LEU B 107 -5.69 -8.45 0.09
C LEU B 107 -4.40 -8.13 -0.58
N THR B 108 -3.43 -9.05 -0.52
CA THR B 108 -2.15 -8.81 -1.21
C THR B 108 -2.39 -8.70 -2.71
N ILE B 109 -3.17 -9.62 -3.27
CA ILE B 109 -3.66 -9.51 -4.65
C ILE B 109 -4.47 -8.20 -4.91
N ILE B 110 -5.48 -7.91 -4.10
CA ILE B 110 -6.25 -6.64 -4.19
C ILE B 110 -5.41 -5.40 -3.88
N GLN B 111 -4.70 -5.41 -2.75
CA GLN B 111 -3.77 -4.31 -2.40
C GLN B 111 -2.81 -4.04 -3.52
N GLN B 112 -2.23 -5.10 -4.10
CA GLN B 112 -1.33 -4.94 -5.22
C GLN B 112 -1.99 -4.28 -6.41
N ILE B 113 -3.16 -4.77 -6.81
CA ILE B 113 -3.81 -4.27 -8.04
C ILE B 113 -4.19 -2.78 -7.90
N LYS B 114 -4.71 -2.38 -6.73
CA LYS B 114 -4.90 -0.95 -6.41
C LYS B 114 -3.59 -0.17 -6.54
N ALA B 115 -2.50 -0.74 -5.96
CA ALA B 115 -1.15 -0.18 -6.15
C ALA B 115 -0.67 -0.03 -7.63
N LEU B 116 -1.10 -0.91 -8.54
CA LEU B 116 -0.83 -0.67 -9.97
C LEU B 116 -1.84 0.35 -10.49
N ASN B 117 -3.09 0.21 -10.06
CA ASN B 117 -4.20 0.92 -10.69
C ASN B 117 -4.17 2.44 -10.63
N PRO B 130 -21.11 -2.16 -7.02
CA PRO B 130 -21.70 -1.86 -8.33
C PRO B 130 -23.00 -1.05 -8.24
N ASN B 131 -23.78 -1.27 -7.17
CA ASN B 131 -24.84 -0.34 -6.77
C ASN B 131 -24.17 0.67 -5.82
N ASN B 132 -22.83 0.61 -5.85
CA ASN B 132 -21.92 1.40 -5.04
C ASN B 132 -22.27 1.56 -3.55
N ILE B 133 -22.68 0.43 -2.96
CA ILE B 133 -23.12 0.37 -1.58
C ILE B 133 -22.08 0.86 -0.54
N VAL B 134 -20.85 0.38 -0.64
CA VAL B 134 -19.82 0.79 0.33
C VAL B 134 -19.47 2.27 0.17
N ALA B 135 -19.21 2.71 -1.06
CA ALA B 135 -18.96 4.12 -1.37
C ALA B 135 -20.09 5.02 -0.86
N ASN B 136 -21.32 4.60 -1.16
CA ASN B 136 -22.51 5.33 -0.75
C ASN B 136 -22.63 5.45 0.77
N LEU B 137 -22.21 4.43 1.49
CA LEU B 137 -22.28 4.44 2.95
C LEU B 137 -21.26 5.42 3.53
N LEU B 138 -20.06 5.41 2.95
CA LEU B 138 -19.01 6.32 3.44
C LEU B 138 -19.37 7.77 3.16
N THR B 139 -19.92 8.06 1.98
N THR B 139 -19.90 8.04 1.97
CA THR B 139 -20.31 9.43 1.65
CA THR B 139 -20.34 9.37 1.60
C THR B 139 -21.50 9.87 2.50
C THR B 139 -21.43 9.82 2.57
N ALA B 140 -22.40 8.94 2.81
CA ALA B 140 -23.46 9.18 3.81
C ALA B 140 -22.90 9.54 5.20
N ALA B 141 -21.85 8.86 5.62
CA ALA B 141 -21.21 9.12 6.92
C ALA B 141 -20.45 10.44 6.94
N ILE B 142 -19.80 10.78 5.83
CA ILE B 142 -19.16 12.09 5.68
C ILE B 142 -20.20 13.22 5.72
N ASP B 143 -21.26 13.09 4.91
CA ASP B 143 -22.33 14.09 4.89
C ASP B 143 -22.99 14.25 6.24
N ALA B 144 -23.09 13.16 6.99
CA ALA B 144 -23.70 13.19 8.34
C ALA B 144 -22.70 13.61 9.43
N LYS B 145 -21.46 13.91 9.04
CA LYS B 145 -20.40 14.41 9.96
C LYS B 145 -20.01 13.37 11.01
N VAL B 146 -20.22 12.11 10.64
CA VAL B 146 -19.80 10.97 11.44
C VAL B 146 -18.33 10.64 11.16
N ILE B 147 -17.91 10.66 9.90
CA ILE B 147 -16.48 10.49 9.60
C ILE B 147 -15.90 11.78 8.97
N LYS B 148 -14.57 11.88 8.89
CA LYS B 148 -13.89 13.12 8.50
C LYS B 148 -14.18 13.45 7.04
N GLN B 149 -14.30 14.74 6.73
CA GLN B 149 -14.40 15.22 5.34
C GLN B 149 -13.05 15.03 4.66
N LEU B 150 -12.79 13.80 4.25
CA LEU B 150 -11.54 13.39 3.56
C LEU B 150 -11.99 12.57 2.36
N PRO B 151 -11.11 12.42 1.35
CA PRO B 151 -11.51 11.55 0.22
C PRO B 151 -11.94 10.15 0.73
N VAL B 152 -13.02 9.64 0.16
CA VAL B 152 -13.42 8.24 0.38
C VAL B 152 -12.24 7.24 0.24
N SER B 153 -11.35 7.45 -0.77
CA SER B 153 -10.18 6.59 -0.94
C SER B 153 -9.25 6.54 0.27
N LEU B 154 -9.15 7.64 1.03
CA LEU B 154 -8.36 7.69 2.25
C LEU B 154 -9.00 6.87 3.38
N HIS B 155 -10.33 6.93 3.48
CA HIS B 155 -11.09 6.08 4.45
C HIS B 155 -10.98 4.60 4.08
N GLY B 157 -8.67 3.34 2.21
CA GLY B 157 -7.23 3.07 2.35
C GLY B 157 -6.81 2.63 3.75
N VAL B 158 -7.25 3.35 4.76
CA VAL B 158 -6.80 3.02 6.10
C VAL B 158 -7.39 1.70 6.57
N VAL B 159 -8.63 1.40 6.16
CA VAL B 159 -9.27 0.14 6.46
C VAL B 159 -8.47 -1.01 5.84
N PHE B 160 -8.23 -0.94 4.53
CA PHE B 160 -7.58 -2.03 3.81
C PHE B 160 -6.08 -2.19 4.13
N SER B 161 -5.34 -1.07 4.22
CA SER B 161 -3.91 -1.19 4.50
C SER B 161 -3.66 -1.65 5.92
N THR B 162 -4.43 -1.16 6.88
CA THR B 162 -4.23 -1.60 8.28
C THR B 162 -4.50 -3.12 8.42
N ILE B 163 -5.64 -3.55 7.89
CA ILE B 163 -5.98 -4.97 7.91
C ILE B 163 -4.95 -5.77 7.14
N HIS B 164 -4.47 -5.28 6.00
CA HIS B 164 -3.47 -6.00 5.21
C HIS B 164 -2.13 -6.17 5.93
N THR B 165 -1.62 -5.10 6.51
CA THR B 165 -0.40 -5.20 7.30
C THR B 165 -0.52 -6.20 8.44
N HIS B 166 -1.67 -6.23 9.12
CA HIS B 166 -1.89 -7.10 10.27
C HIS B 166 -1.93 -8.58 9.81
N THR B 167 -2.68 -8.82 8.73
CA THR B 167 -2.76 -10.13 8.08
C THR B 167 -1.39 -10.61 7.65
N THR B 168 -0.64 -9.76 6.97
CA THR B 168 0.69 -10.24 6.54
C THR B 168 1.63 -10.37 7.76
N ASN B 169 1.47 -9.52 8.78
CA ASN B 169 2.27 -9.72 10.02
C ASN B 169 2.05 -11.09 10.61
N ILE B 170 0.77 -11.50 10.70
CA ILE B 170 0.46 -12.83 11.19
C ILE B 170 1.04 -13.93 10.25
N SER B 171 0.85 -13.78 8.94
CA SER B 171 1.33 -14.85 8.02
C SER B 171 2.87 -15.02 8.08
N LYS B 172 3.62 -13.94 8.34
CA LYS B 172 5.08 -14.01 8.50
C LYS B 172 5.56 -14.46 9.89
N GLY B 173 4.63 -14.67 10.82
CA GLY B 173 4.96 -15.10 12.18
C GLY B 173 5.52 -14.00 13.08
N ARG B 174 5.20 -12.74 12.77
CA ARG B 174 5.67 -11.61 13.55
C ARG B 174 5.06 -11.62 14.94
N TYR B 175 3.81 -12.09 15.05
CA TYR B 175 3.13 -12.37 16.31
C TYR B 175 1.99 -13.35 16.03
N ALA B 176 1.41 -13.91 17.09
CA ALA B 176 0.32 -14.88 17.01
C ALA B 176 -0.99 -14.26 16.52
N GLN B 177 -1.85 -15.07 15.90
CA GLN B 177 -3.20 -14.59 15.50
C GLN B 177 -4.04 -14.13 16.67
N ASP B 178 -3.80 -14.69 17.85
CA ASP B 178 -4.52 -14.23 19.06
C ASP B 178 -3.85 -13.09 19.86
N GLN B 179 -2.77 -12.51 19.33
CA GLN B 179 -2.09 -11.40 20.02
C GLN B 179 -3.05 -10.19 20.13
N TYR B 180 -3.69 -9.84 19.02
CA TYR B 180 -4.62 -8.72 19.00
C TYR B 180 -6.02 -9.19 18.63
N THR B 181 -7.01 -8.44 19.14
CA THR B 181 -8.43 -8.65 18.84
C THR B 181 -8.86 -7.69 17.71
N PHE B 182 -10.02 -7.96 17.12
CA PHE B 182 -10.63 -7.00 16.17
C PHE B 182 -10.79 -5.62 16.85
N GLY B 183 -11.28 -5.62 18.09
CA GLY B 183 -11.32 -4.41 18.95
C GLY B 183 -10.01 -3.61 18.90
N ASP B 184 -8.87 -4.28 19.04
CA ASP B 184 -7.58 -3.55 19.09
C ASP B 184 -7.25 -2.86 17.75
N ILE B 185 -7.45 -3.59 16.67
CA ILE B 185 -7.12 -3.10 15.34
C ILE B 185 -8.17 -2.06 14.89
N PHE B 186 -9.45 -2.37 15.13
CA PHE B 186 -10.53 -1.44 14.84
C PHE B 186 -10.37 -0.08 15.51
N GLN B 187 -9.82 -0.06 16.73
CA GLN B 187 -9.61 1.23 17.36
C GLN B 187 -8.73 2.18 16.55
N ILE B 189 -8.37 1.98 13.28
CA ILE B 189 -9.07 2.24 12.03
C ILE B 189 -10.20 3.24 12.23
N TRP B 190 -11.03 3.01 13.25
CA TRP B 190 -12.13 3.93 13.54
C TRP B 190 -11.63 5.32 14.02
N ASP B 191 -10.57 5.34 14.82
CA ASP B 191 -10.01 6.63 15.26
C ASP B 191 -9.57 7.41 14.02
N ALA B 192 -8.94 6.71 13.08
CA ALA B 192 -8.52 7.30 11.81
C ALA B 192 -9.68 7.94 11.04
N LYS B 194 -13.09 8.61 12.10
CA LYS B 194 -14.17 9.37 12.73
C LYS B 194 -13.88 10.85 12.89
N GLN B 195 -14.97 11.61 12.89
CA GLN B 195 -14.92 13.06 12.90
C GLN B 195 -14.46 13.50 14.29
N ASP B 196 -13.48 14.43 14.28
CA ASP B 196 -12.55 14.80 15.41
C ASP B 196 -11.26 13.90 15.58
#